data_7K4L
#
_entry.id   7K4L
#
_entity_poly.entity_id   1
_entity_poly.type   'polyribonucleotide'
_entity_poly.pdbx_seq_one_letter_code
;GGAGUGGUUAGUCUACGUUUCGACGUAGUUCUAACC
;
_entity_poly.pdbx_strand_id   A
#